data_7TTV
#
_entry.id   7TTV
#
_cell.length_a   117.450
_cell.length_b   63.740
_cell.length_c   74.280
_cell.angle_alpha   90.000
_cell.angle_beta   125.870
_cell.angle_gamma   90.000
#
_symmetry.space_group_name_H-M   'C 1 2 1'
#
loop_
_entity.id
_entity.type
_entity.pdbx_description
1 polymer 'Thiol:disulfide interchange protein DsbA'
2 non-polymer '4-phenyl-2-(3-phenylpropyl)-1,3-thiazole-5-carboxylic acid'
3 non-polymer 'COPPER (II) ION'
4 water water
#
_entity_poly.entity_id   1
_entity_poly.type   'polypeptide(L)'
_entity_poly.pdbx_seq_one_letter_code
;AQYEDGKQYTTLEKPVAGAPQVLEFFSFFCPHCYQFEEVLHISDNVKKKLPEGVKMTKYHVNFMGGDLGKDLTQAWAVAM
ALGVEDKVTVPLFEGVQKTQTIRSASDIRDVFINAGIKGEEYDAAWNSFVVKSLVAQQEKAAADVQLRGVPAMFVNGKYQ
LNPQGMDTSNMDVFVQQYADTVKYLSEKK
;
_entity_poly.pdbx_strand_id   A,B
#
loop_
_chem_comp.id
_chem_comp.type
_chem_comp.name
_chem_comp.formula
CU non-polymer 'COPPER (II) ION' 'Cu 2'
QVP non-polymer '4-phenyl-2-(3-phenylpropyl)-1,3-thiazole-5-carboxylic acid' 'C19 H17 N O2 S'
#
# COMPACT_ATOMS: atom_id res chain seq x y z
N ALA A 1 23.72 24.21 -1.74
CA ALA A 1 23.34 24.28 -0.33
C ALA A 1 22.80 22.92 0.15
N GLN A 2 22.49 22.83 1.45
CA GLN A 2 21.95 21.58 1.98
C GLN A 2 20.51 21.37 1.52
N TYR A 3 19.67 22.40 1.60
CA TYR A 3 18.32 22.36 1.02
C TYR A 3 18.33 23.20 -0.25
N GLU A 4 17.80 22.65 -1.33
CA GLU A 4 17.83 23.30 -2.64
C GLU A 4 16.50 23.17 -3.34
N ASP A 5 15.99 24.29 -3.83
CA ASP A 5 14.88 24.28 -4.79
C ASP A 5 15.19 23.29 -5.90
N GLY A 6 14.33 22.30 -6.08
CA GLY A 6 14.55 21.23 -7.01
C GLY A 6 15.05 19.94 -6.40
N LYS A 7 15.55 20.00 -5.16
CA LYS A 7 16.06 18.84 -4.45
C LYS A 7 14.99 18.23 -3.56
N GLN A 8 14.95 18.63 -2.28
CA GLN A 8 13.95 18.17 -1.33
C GLN A 8 12.58 18.80 -1.55
N TYR A 9 12.48 19.81 -2.41
CA TYR A 9 11.23 20.50 -2.62
C TYR A 9 11.31 21.20 -3.97
N THR A 10 10.15 21.65 -4.45
CA THR A 10 10.05 22.46 -5.64
C THR A 10 9.24 23.69 -5.31
N THR A 11 9.27 24.66 -6.21
CA THR A 11 8.61 25.95 -5.99
C THR A 11 7.53 26.13 -7.04
N LEU A 12 6.28 26.29 -6.59
CA LEU A 12 5.17 26.49 -7.50
C LEU A 12 5.42 27.70 -8.38
N GLU A 13 5.13 27.55 -9.67
CA GLU A 13 5.21 28.69 -10.57
C GLU A 13 4.14 29.73 -10.24
N LYS A 14 2.93 29.26 -9.92
CA LYS A 14 1.82 30.13 -9.53
C LYS A 14 1.55 29.92 -8.05
N PRO A 15 2.17 30.71 -7.17
CA PRO A 15 1.91 30.55 -5.74
C PRO A 15 0.44 30.77 -5.44
N VAL A 16 -0.05 30.07 -4.42
CA VAL A 16 -1.46 30.07 -4.07
C VAL A 16 -1.69 31.03 -2.91
N ALA A 17 -2.44 32.08 -3.18
CA ALA A 17 -2.72 33.10 -2.18
C ALA A 17 -3.56 32.53 -1.05
N GLY A 18 -3.16 32.83 0.19
CA GLY A 18 -3.97 32.49 1.35
C GLY A 18 -4.05 31.03 1.69
N ALA A 19 -3.21 30.19 1.10
CA ALA A 19 -3.31 28.74 1.30
C ALA A 19 -3.03 28.38 2.77
N PRO A 20 -3.49 27.19 3.20
CA PRO A 20 -3.12 26.70 4.54
C PRO A 20 -1.61 26.63 4.67
N GLN A 21 -1.14 26.73 5.91
CA GLN A 21 0.30 26.74 6.17
C GLN A 21 0.95 25.45 5.67
N VAL A 22 0.49 24.31 6.20
CA VAL A 22 0.98 22.99 5.78
C VAL A 22 -0.21 22.19 5.29
N LEU A 23 -0.19 21.83 4.01
CA LEU A 23 -1.37 21.27 3.35
C LEU A 23 -0.99 19.93 2.76
N GLU A 24 -1.58 18.86 3.30
CA GLU A 24 -1.33 17.51 2.83
C GLU A 24 -2.54 17.02 2.05
N PHE A 25 -2.28 16.34 0.92
CA PHE A 25 -3.33 15.70 0.15
C PHE A 25 -3.11 14.19 0.15
N PHE A 26 -4.20 13.45 0.21
CA PHE A 26 -4.13 12.00 0.17
C PHE A 26 -5.40 11.43 -0.44
N SER A 27 -5.37 10.12 -0.69
CA SER A 27 -6.54 9.34 -1.04
C SER A 27 -6.49 8.03 -0.26
N PHE A 28 -7.64 7.61 0.25
CA PHE A 28 -7.74 6.28 0.84
C PHE A 28 -7.57 5.18 -0.18
N PHE A 29 -7.56 5.51 -1.48
CA PHE A 29 -7.25 4.55 -2.54
C PHE A 29 -5.76 4.49 -2.88
N CYS A 30 -4.95 5.32 -2.30
CA CYS A 30 -3.60 5.51 -2.80
C CYS A 30 -2.61 4.64 -2.01
N PRO A 31 -1.95 3.66 -2.64
CA PRO A 31 -1.14 2.72 -1.85
C PRO A 31 0.03 3.38 -1.18
N HIS A 32 0.65 4.35 -1.86
CA HIS A 32 1.72 5.12 -1.19
C HIS A 32 1.18 5.93 -0.03
N CYS A 33 -0.07 6.41 -0.12
CA CYS A 33 -0.67 7.14 1.00
C CYS A 33 -0.90 6.20 2.18
N TYR A 34 -1.33 4.97 1.91
CA TYR A 34 -1.39 3.97 2.98
C TYR A 34 -0.06 3.87 3.72
N GLN A 35 1.02 3.67 2.98
CA GLN A 35 2.34 3.59 3.60
C GLN A 35 2.67 4.86 4.38
N PHE A 36 2.46 6.03 3.76
CA PHE A 36 2.76 7.30 4.44
C PHE A 36 2.09 7.37 5.80
N GLU A 37 0.82 6.96 5.87
CA GLU A 37 0.02 7.10 7.09
C GLU A 37 0.20 5.94 8.06
N GLU A 38 0.18 4.70 7.56
CA GLU A 38 0.17 3.55 8.46
C GLU A 38 1.57 3.10 8.85
N VAL A 39 2.53 3.17 7.94
CA VAL A 39 3.88 2.65 8.15
C VAL A 39 4.89 3.76 8.47
N LEU A 40 4.87 4.85 7.70
CA LEU A 40 5.77 5.99 7.90
C LEU A 40 5.25 7.05 8.87
N HIS A 41 3.94 7.20 9.01
CA HIS A 41 3.34 8.17 9.92
C HIS A 41 3.85 9.57 9.63
N ILE A 42 3.92 9.90 8.34
CA ILE A 42 4.44 11.19 7.88
C ILE A 42 3.75 12.34 8.58
N SER A 43 2.42 12.43 8.44
CA SER A 43 1.68 13.55 9.04
C SER A 43 2.11 13.77 10.48
N ASP A 44 2.14 12.70 11.27
CA ASP A 44 2.36 12.89 12.69
C ASP A 44 3.80 13.31 12.99
N ASN A 45 4.78 12.84 12.19
CA ASN A 45 6.16 13.25 12.43
C ASN A 45 6.43 14.67 11.93
N VAL A 46 5.73 15.10 10.89
CA VAL A 46 5.76 16.52 10.51
C VAL A 46 5.24 17.39 11.66
N LYS A 47 4.06 17.03 12.20
CA LYS A 47 3.45 17.84 13.25
C LYS A 47 4.39 18.01 14.43
N LYS A 48 5.04 16.92 14.81
CA LYS A 48 5.92 16.89 15.97
C LYS A 48 7.13 17.79 15.81
N LYS A 49 7.40 18.31 14.60
CA LYS A 49 8.51 19.21 14.40
C LYS A 49 8.10 20.61 13.95
N LEU A 50 6.82 20.87 13.72
CA LEU A 50 6.42 22.16 13.19
C LEU A 50 6.62 23.26 14.23
N PRO A 51 7.04 24.46 13.81
CA PRO A 51 7.14 25.60 14.74
C PRO A 51 5.81 25.85 15.42
N GLU A 52 5.86 26.65 16.47
CA GLU A 52 4.64 26.99 17.18
C GLU A 52 3.75 27.88 16.31
N GLY A 53 2.45 27.71 16.47
CA GLY A 53 1.51 28.51 15.70
C GLY A 53 1.38 28.13 14.23
N VAL A 54 1.91 26.98 13.82
CA VAL A 54 1.72 26.46 12.48
C VAL A 54 0.83 25.23 12.59
N LYS A 55 -0.28 25.24 11.85
CA LYS A 55 -1.30 24.21 11.88
C LYS A 55 -1.22 23.39 10.60
N MET A 56 -1.58 22.12 10.70
CA MET A 56 -1.52 21.21 9.56
C MET A 56 -2.93 20.92 9.07
N THR A 57 -3.10 20.95 7.75
CA THR A 57 -4.37 20.65 7.11
C THR A 57 -4.19 19.42 6.23
N LYS A 58 -5.18 18.53 6.24
CA LYS A 58 -5.10 17.30 5.46
C LYS A 58 -6.41 17.12 4.70
N TYR A 59 -6.32 17.03 3.38
CA TYR A 59 -7.51 16.94 2.53
C TYR A 59 -7.47 15.67 1.69
N HIS A 60 -8.63 15.07 1.47
CA HIS A 60 -8.81 13.95 0.56
C HIS A 60 -9.00 14.47 -0.85
N VAL A 61 -8.77 13.61 -1.85
CA VAL A 61 -8.87 13.97 -3.25
C VAL A 61 -9.83 13.00 -3.95
N ASN A 62 -10.36 13.46 -5.10
CA ASN A 62 -11.32 12.71 -5.89
C ASN A 62 -10.70 11.89 -7.00
N PHE A 63 -9.52 12.24 -7.47
CA PHE A 63 -9.12 11.66 -8.75
C PHE A 63 -8.70 10.15 -8.65
N MET A 64 -8.77 9.44 -7.52
CA MET A 64 -8.56 8.00 -7.50
C MET A 64 -9.83 7.32 -7.04
N GLY A 65 -10.19 6.22 -7.69
CA GLY A 65 -11.28 5.43 -7.19
C GLY A 65 -12.64 5.83 -7.67
N GLY A 66 -12.74 6.76 -8.62
CA GLY A 66 -14.02 7.00 -9.27
C GLY A 66 -15.11 7.37 -8.29
N ASP A 67 -16.24 6.67 -8.40
CA ASP A 67 -17.41 7.02 -7.59
C ASP A 67 -17.11 6.92 -6.10
N LEU A 68 -16.47 5.83 -5.69
CA LEU A 68 -16.17 5.66 -4.28
C LEU A 68 -15.14 6.66 -3.80
N GLY A 69 -14.20 7.06 -4.67
CA GLY A 69 -13.26 8.11 -4.32
C GLY A 69 -13.97 9.39 -3.92
N LYS A 70 -15.04 9.72 -4.65
CA LYS A 70 -15.80 10.94 -4.35
C LYS A 70 -16.58 10.79 -3.04
N ASP A 71 -17.15 9.60 -2.79
CA ASP A 71 -17.78 9.33 -1.50
C ASP A 71 -16.78 9.50 -0.36
N LEU A 72 -15.55 9.02 -0.57
CA LEU A 72 -14.55 9.12 0.49
C LEU A 72 -14.18 10.58 0.78
N THR A 73 -14.14 11.41 -0.26
CA THR A 73 -13.89 12.82 -0.02
C THR A 73 -15.02 13.43 0.82
N GLN A 74 -16.26 13.03 0.55
CA GLN A 74 -17.37 13.50 1.38
C GLN A 74 -17.28 12.94 2.80
N ALA A 75 -16.83 11.69 2.93
CA ALA A 75 -16.70 11.10 4.26
C ALA A 75 -15.56 11.76 5.02
N TRP A 76 -14.48 12.13 4.34
CA TRP A 76 -13.41 12.84 5.03
C TRP A 76 -13.91 14.20 5.52
N ALA A 77 -14.69 14.90 4.69
CA ALA A 77 -15.39 16.09 5.14
C ALA A 77 -16.20 15.82 6.40
N VAL A 78 -16.96 14.71 6.43
CA VAL A 78 -17.70 14.37 7.65
C VAL A 78 -16.74 14.17 8.82
N ALA A 79 -15.63 13.46 8.58
CA ALA A 79 -14.65 13.25 9.65
C ALA A 79 -14.12 14.59 10.18
N MET A 80 -13.86 15.55 9.30
CA MET A 80 -13.34 16.84 9.76
C MET A 80 -14.41 17.61 10.52
N ALA A 81 -15.63 17.64 9.99
CA ALA A 81 -16.71 18.37 10.63
C ALA A 81 -16.94 17.87 12.06
N LEU A 82 -16.92 16.55 12.26
CA LEU A 82 -17.12 15.99 13.58
C LEU A 82 -15.84 15.93 14.39
N GLY A 83 -14.68 16.15 13.77
CA GLY A 83 -13.42 16.00 14.48
C GLY A 83 -13.08 14.58 14.87
N VAL A 84 -13.37 13.60 14.01
CA VAL A 84 -13.07 12.20 14.34
C VAL A 84 -12.00 11.62 13.41
N GLU A 85 -11.16 12.48 12.80
CA GLU A 85 -10.11 11.98 11.92
C GLU A 85 -9.32 10.85 12.55
N ASP A 86 -8.87 11.03 13.80
CA ASP A 86 -8.03 10.02 14.44
C ASP A 86 -8.76 8.72 14.71
N LYS A 87 -10.08 8.70 14.61
CA LYS A 87 -10.85 7.49 14.85
C LYS A 87 -11.12 6.68 13.58
N VAL A 88 -11.10 7.31 12.41
CA VAL A 88 -11.53 6.64 11.19
C VAL A 88 -10.44 6.54 10.14
N THR A 89 -9.30 7.23 10.33
CA THR A 89 -8.23 7.16 9.33
C THR A 89 -7.77 5.73 9.12
N VAL A 90 -7.44 5.02 10.19
CA VAL A 90 -6.89 3.67 10.07
C VAL A 90 -7.95 2.74 9.49
N PRO A 91 -9.15 2.66 10.07
CA PRO A 91 -10.13 1.69 9.53
C PRO A 91 -10.55 2.00 8.12
N LEU A 92 -10.52 3.28 7.70
CA LEU A 92 -10.80 3.58 6.30
C LEU A 92 -9.67 3.09 5.40
N PHE A 93 -8.41 3.38 5.77
CA PHE A 93 -7.32 2.87 4.96
C PHE A 93 -7.38 1.35 4.89
N GLU A 94 -7.60 0.68 6.02
CA GLU A 94 -7.61 -0.78 6.00
C GLU A 94 -8.84 -1.33 5.27
N GLY A 95 -10.00 -0.75 5.48
CA GLY A 95 -11.19 -1.22 4.76
C GLY A 95 -11.06 -1.11 3.25
N VAL A 96 -10.44 -0.03 2.77
CA VAL A 96 -10.28 0.13 1.33
C VAL A 96 -9.14 -0.74 0.80
N GLN A 97 -8.01 -0.82 1.50
CA GLN A 97 -6.82 -1.44 0.91
C GLN A 97 -6.42 -2.76 1.55
N LYS A 98 -6.69 -2.97 2.83
CA LYS A 98 -6.23 -4.21 3.43
C LYS A 98 -7.28 -5.31 3.31
N THR A 99 -8.47 -5.08 3.91
CA THR A 99 -9.56 -6.05 3.86
C THR A 99 -10.43 -5.89 2.62
N GLN A 100 -10.40 -4.73 1.96
CA GLN A 100 -11.24 -4.46 0.80
C GLN A 100 -12.69 -4.77 1.06
N THR A 101 -13.16 -4.35 2.23
CA THR A 101 -14.54 -4.46 2.66
C THR A 101 -15.30 -3.16 2.47
N ILE A 102 -14.66 -2.11 1.96
CA ILE A 102 -15.32 -0.84 1.69
C ILE A 102 -15.56 -0.74 0.19
N ARG A 103 -16.80 -0.97 -0.23
CA ARG A 103 -17.16 -0.98 -1.62
C ARG A 103 -18.26 0.01 -1.96
N SER A 104 -18.90 0.60 -0.96
CA SER A 104 -20.06 1.46 -1.16
C SER A 104 -20.04 2.53 -0.08
N ALA A 105 -20.81 3.60 -0.31
CA ALA A 105 -20.96 4.61 0.72
C ALA A 105 -21.49 4.01 2.02
N SER A 106 -22.29 2.94 1.92
CA SER A 106 -22.78 2.30 3.14
C SER A 106 -21.64 1.66 3.93
N ASP A 107 -20.70 0.99 3.23
CA ASP A 107 -19.55 0.41 3.91
C ASP A 107 -18.71 1.49 4.57
N ILE A 108 -18.53 2.63 3.89
CA ILE A 108 -17.88 3.77 4.55
C ILE A 108 -18.60 4.10 5.85
N ARG A 109 -19.93 4.22 5.77
CA ARG A 109 -20.70 4.61 6.94
C ARG A 109 -20.49 3.62 8.08
N ASP A 110 -20.47 2.33 7.78
CA ASP A 110 -20.25 1.30 8.81
C ASP A 110 -18.98 1.56 9.62
N VAL A 111 -17.92 2.03 8.96
CA VAL A 111 -16.67 2.33 9.66
C VAL A 111 -16.88 3.39 10.73
N PHE A 112 -17.61 4.46 10.40
CA PHE A 112 -17.90 5.47 11.41
C PHE A 112 -18.77 4.91 12.55
N ILE A 113 -19.81 4.14 12.21
CA ILE A 113 -20.67 3.55 13.23
C ILE A 113 -19.82 2.69 14.16
N ASN A 114 -18.99 1.81 13.60
CA ASN A 114 -18.13 0.95 14.41
C ASN A 114 -17.17 1.76 15.28
N ALA A 115 -16.73 2.93 14.81
CA ALA A 115 -15.90 3.84 15.61
C ALA A 115 -16.72 4.62 16.63
N GLY A 116 -18.02 4.42 16.72
CA GLY A 116 -18.80 5.04 17.77
C GLY A 116 -19.48 6.34 17.39
N ILE A 117 -19.36 6.79 16.14
CA ILE A 117 -20.18 7.90 15.69
C ILE A 117 -21.61 7.40 15.52
N LYS A 118 -22.56 8.08 16.15
CA LYS A 118 -23.94 7.64 16.11
C LYS A 118 -24.51 7.78 14.70
N GLY A 119 -25.38 6.83 14.33
CA GLY A 119 -25.93 6.84 12.98
C GLY A 119 -26.61 8.15 12.62
N GLU A 120 -27.38 8.72 13.54
CA GLU A 120 -28.06 9.97 13.23
C GLU A 120 -27.07 11.10 13.06
N GLU A 121 -26.00 11.09 13.85
CA GLU A 121 -24.99 12.13 13.79
C GLU A 121 -24.22 12.07 12.46
N TYR A 122 -23.87 10.85 12.02
CA TYR A 122 -23.20 10.70 10.73
C TYR A 122 -24.10 11.16 9.59
N ASP A 123 -25.35 10.69 9.58
CA ASP A 123 -26.25 11.03 8.46
C ASP A 123 -26.51 12.52 8.38
N ALA A 124 -26.73 13.19 9.52
CA ALA A 124 -26.96 14.63 9.48
C ALA A 124 -25.72 15.36 8.94
N ALA A 125 -24.53 14.96 9.40
CA ALA A 125 -23.32 15.56 8.85
C ALA A 125 -23.21 15.31 7.36
N TRP A 126 -23.34 14.04 6.96
CA TRP A 126 -23.21 13.67 5.55
C TRP A 126 -24.04 14.55 4.65
N ASN A 127 -25.27 14.86 5.07
CA ASN A 127 -26.23 15.62 4.28
C ASN A 127 -26.15 17.12 4.51
N SER A 128 -25.21 17.59 5.32
CA SER A 128 -25.21 18.99 5.73
C SER A 128 -24.54 19.89 4.69
N PHE A 129 -24.95 21.16 4.70
CA PHE A 129 -24.26 22.12 3.85
C PHE A 129 -22.90 22.49 4.41
N VAL A 130 -22.70 22.38 5.72
CA VAL A 130 -21.35 22.51 6.25
C VAL A 130 -20.43 21.49 5.60
N VAL A 131 -20.91 20.26 5.43
CA VAL A 131 -20.10 19.24 4.78
C VAL A 131 -19.97 19.51 3.28
N LYS A 132 -21.05 19.93 2.61
CA LYS A 132 -20.91 20.32 1.20
C LYS A 132 -19.79 21.35 1.04
N SER A 133 -19.73 22.29 1.98
CA SER A 133 -18.72 23.35 1.87
C SER A 133 -17.32 22.79 2.06
N LEU A 134 -17.14 21.85 3.02
CA LEU A 134 -15.83 21.26 3.24
C LEU A 134 -15.38 20.42 2.04
N VAL A 135 -16.32 19.76 1.38
CA VAL A 135 -15.99 19.06 0.14
C VAL A 135 -15.43 20.05 -0.89
N ALA A 136 -16.15 21.14 -1.14
CA ALA A 136 -15.69 22.09 -2.15
C ALA A 136 -14.36 22.73 -1.74
N GLN A 137 -14.18 22.99 -0.44
CA GLN A 137 -12.91 23.45 0.08
C GLN A 137 -11.77 22.49 -0.29
N GLN A 138 -11.96 21.20 -0.02
CA GLN A 138 -10.92 20.23 -0.39
C GLN A 138 -10.67 20.25 -1.87
N GLU A 139 -11.75 20.26 -2.67
CA GLU A 139 -11.57 20.27 -4.13
C GLU A 139 -10.84 21.53 -4.58
N LYS A 140 -11.18 22.68 -3.99
CA LYS A 140 -10.58 23.93 -4.43
C LYS A 140 -9.08 23.94 -4.15
N ALA A 141 -8.69 23.55 -2.95
CA ALA A 141 -7.27 23.54 -2.61
C ALA A 141 -6.50 22.62 -3.56
N ALA A 142 -7.05 21.44 -3.88
CA ALA A 142 -6.37 20.58 -4.84
C ALA A 142 -6.29 21.24 -6.22
N ALA A 143 -7.40 21.82 -6.68
CA ALA A 143 -7.39 22.49 -7.98
C ALA A 143 -6.39 23.64 -8.01
N ASP A 144 -6.27 24.37 -6.90
CA ASP A 144 -5.42 25.55 -6.91
C ASP A 144 -3.95 25.19 -7.15
N VAL A 145 -3.50 24.00 -6.77
CA VAL A 145 -2.12 23.59 -7.01
C VAL A 145 -2.02 22.66 -8.20
N GLN A 146 -3.09 22.53 -8.98
N GLN A 146 -3.09 22.50 -8.96
CA GLN A 146 -3.15 21.61 -10.10
CA GLN A 146 -3.07 21.62 -10.12
C GLN A 146 -2.60 20.24 -9.71
C GLN A 146 -2.62 20.21 -9.73
N LEU A 147 -3.27 19.65 -8.72
CA LEU A 147 -2.81 18.39 -8.13
C LEU A 147 -3.13 17.21 -9.02
N ARG A 148 -2.09 16.52 -9.48
CA ARG A 148 -2.22 15.30 -10.28
C ARG A 148 -1.90 14.02 -9.54
N GLY A 149 -1.26 14.09 -8.37
CA GLY A 149 -0.89 12.87 -7.69
C GLY A 149 -0.81 13.04 -6.20
N VAL A 150 -0.98 11.93 -5.49
CA VAL A 150 -0.82 11.89 -4.03
C VAL A 150 0.08 10.71 -3.70
N PRO A 151 0.68 10.70 -2.50
CA PRO A 151 0.57 11.79 -1.53
C PRO A 151 1.28 13.06 -1.99
N ALA A 152 0.89 14.19 -1.41
CA ALA A 152 1.55 15.46 -1.72
C ALA A 152 1.47 16.32 -0.49
N MET A 153 2.42 17.26 -0.38
CA MET A 153 2.38 18.21 0.72
C MET A 153 2.94 19.53 0.24
N PHE A 154 2.24 20.62 0.58
CA PHE A 154 2.61 21.97 0.19
C PHE A 154 2.78 22.82 1.43
N VAL A 155 3.68 23.80 1.34
CA VAL A 155 3.93 24.72 2.45
C VAL A 155 3.63 26.13 1.98
N ASN A 156 2.72 26.81 2.66
CA ASN A 156 2.40 28.22 2.41
C ASN A 156 2.03 28.46 0.95
N GLY A 157 1.42 27.48 0.30
CA GLY A 157 1.04 27.66 -1.08
C GLY A 157 2.18 28.03 -2.01
N LYS A 158 3.40 27.69 -1.65
CA LYS A 158 4.57 28.06 -2.44
C LYS A 158 5.48 26.90 -2.75
N TYR A 159 5.70 26.00 -1.80
CA TYR A 159 6.67 24.94 -1.92
C TYR A 159 5.98 23.59 -1.88
N GLN A 160 6.40 22.69 -2.76
CA GLN A 160 5.86 21.34 -2.84
C GLN A 160 6.96 20.37 -2.42
N LEU A 161 6.66 19.53 -1.44
CA LEU A 161 7.63 18.52 -1.00
C LEU A 161 8.00 17.59 -2.14
N ASN A 162 9.29 17.22 -2.22
CA ASN A 162 9.80 16.38 -3.29
C ASN A 162 10.47 15.16 -2.66
N PRO A 163 9.68 14.21 -2.17
CA PRO A 163 10.26 13.07 -1.42
C PRO A 163 11.28 12.27 -2.22
N GLN A 164 11.41 12.49 -3.51
CA GLN A 164 12.43 11.77 -4.28
C GLN A 164 13.80 12.41 -4.09
N GLY A 165 13.85 13.74 -4.03
CA GLY A 165 15.10 14.46 -3.88
C GLY A 165 15.65 14.42 -2.48
N MET A 166 15.03 13.62 -1.62
CA MET A 166 15.46 13.41 -0.25
C MET A 166 16.35 12.19 -0.20
N ASP A 167 17.08 12.06 0.92
CA ASP A 167 17.78 10.81 1.21
C ASP A 167 16.72 9.76 1.51
N THR A 168 16.45 8.92 0.52
CA THR A 168 15.42 7.90 0.57
C THR A 168 15.98 6.53 0.94
N SER A 169 17.25 6.47 1.35
CA SER A 169 17.88 5.17 1.58
C SER A 169 17.23 4.44 2.76
N ASN A 170 17.31 5.00 3.96
CA ASN A 170 16.61 4.45 5.10
C ASN A 170 15.25 5.12 5.27
N MET A 171 14.32 4.39 5.88
CA MET A 171 12.95 4.91 5.90
C MET A 171 12.69 5.79 7.12
N ASP A 172 13.11 5.37 8.32
CA ASP A 172 13.02 6.26 9.47
C ASP A 172 13.80 7.54 9.22
N VAL A 173 14.98 7.40 8.62
CA VAL A 173 15.71 8.55 8.11
C VAL A 173 14.86 9.32 7.11
N PHE A 174 14.11 8.61 6.28
CA PHE A 174 13.29 9.29 5.29
C PHE A 174 12.26 10.18 5.96
N VAL A 175 11.53 9.62 6.92
CA VAL A 175 10.48 10.37 7.63
C VAL A 175 11.07 11.65 8.21
N GLN A 176 12.14 11.53 8.99
CA GLN A 176 12.71 12.70 9.65
C GLN A 176 13.25 13.71 8.66
N GLN A 177 13.76 13.25 7.52
CA GLN A 177 14.19 14.20 6.51
C GLN A 177 13.00 14.94 5.91
N TYR A 178 11.93 14.20 5.66
CA TYR A 178 10.68 14.82 5.21
C TYR A 178 10.22 15.86 6.22
N ALA A 179 10.28 15.52 7.50
CA ALA A 179 9.75 16.40 8.54
C ALA A 179 10.64 17.62 8.74
N ASP A 180 11.96 17.42 8.69
CA ASP A 180 12.89 18.55 8.77
C ASP A 180 12.76 19.47 7.56
N THR A 181 12.49 18.91 6.38
CA THR A 181 12.29 19.75 5.21
C THR A 181 11.06 20.63 5.38
N VAL A 182 9.96 20.08 5.90
CA VAL A 182 8.77 20.89 6.12
C VAL A 182 9.08 22.00 7.13
N LYS A 183 9.75 21.66 8.22
CA LYS A 183 10.15 22.69 9.18
C LYS A 183 10.96 23.79 8.50
N TYR A 184 12.04 23.40 7.81
CA TYR A 184 12.84 24.37 7.07
C TYR A 184 11.98 25.27 6.20
N LEU A 185 11.09 24.68 5.40
CA LEU A 185 10.26 25.46 4.49
C LEU A 185 9.34 26.40 5.25
N SER A 186 8.78 25.94 6.36
CA SER A 186 7.85 26.78 7.10
C SER A 186 8.56 27.94 7.76
N GLU A 187 9.88 27.90 7.83
CA GLU A 187 10.70 28.95 8.40
C GLU A 187 11.18 29.96 7.36
N LYS A 188 10.95 29.71 6.08
CA LYS A 188 11.34 30.65 5.03
C LYS A 188 10.37 31.84 4.98
N ALA B 1 -19.32 -21.49 -19.65
CA ALA B 1 -20.02 -20.31 -19.13
C ALA B 1 -19.90 -20.12 -17.62
N GLN B 2 -19.45 -21.11 -16.84
CA GLN B 2 -19.11 -20.73 -15.47
C GLN B 2 -17.95 -19.74 -15.49
N TYR B 3 -16.83 -20.15 -16.06
CA TYR B 3 -15.62 -19.35 -16.10
C TYR B 3 -15.59 -18.52 -17.37
N GLU B 4 -15.56 -17.20 -17.23
CA GLU B 4 -15.63 -16.29 -18.36
C GLU B 4 -14.43 -15.35 -18.31
N ASP B 5 -13.71 -15.27 -19.43
CA ASP B 5 -12.54 -14.41 -19.50
C ASP B 5 -12.94 -12.96 -19.17
N GLY B 6 -12.15 -12.33 -18.31
CA GLY B 6 -12.49 -11.03 -17.79
C GLY B 6 -13.34 -11.07 -16.52
N LYS B 7 -13.92 -12.23 -16.19
CA LYS B 7 -14.61 -12.37 -14.92
C LYS B 7 -13.64 -12.86 -13.85
N GLN B 8 -13.55 -14.18 -13.64
CA GLN B 8 -12.63 -14.73 -12.64
C GLN B 8 -11.15 -14.58 -13.02
N TYR B 9 -10.85 -14.30 -14.28
CA TYR B 9 -9.46 -14.26 -14.74
C TYR B 9 -9.40 -13.45 -16.02
N THR B 10 -8.18 -13.09 -16.40
CA THR B 10 -7.89 -12.48 -17.69
C THR B 10 -6.74 -13.24 -18.34
N THR B 11 -6.55 -12.99 -19.62
CA THR B 11 -5.56 -13.71 -20.41
C THR B 11 -4.45 -12.77 -20.85
N LEU B 12 -3.21 -13.25 -20.74
CA LEU B 12 -2.07 -12.42 -21.12
C LEU B 12 -1.99 -12.29 -22.63
N GLU B 13 -1.73 -11.08 -23.10
CA GLU B 13 -1.54 -10.88 -24.53
C GLU B 13 -0.28 -11.56 -25.04
N LYS B 14 0.72 -11.71 -24.18
CA LYS B 14 2.00 -12.33 -24.54
C LYS B 14 2.40 -13.33 -23.47
N PRO B 15 1.98 -14.59 -23.60
CA PRO B 15 2.31 -15.59 -22.59
C PRO B 15 3.82 -15.71 -22.41
N VAL B 16 4.21 -16.30 -21.27
CA VAL B 16 5.60 -16.41 -20.86
C VAL B 16 6.02 -17.87 -20.98
N ALA B 17 7.10 -18.10 -21.72
CA ALA B 17 7.60 -19.45 -21.90
C ALA B 17 8.27 -19.96 -20.63
N GLY B 18 7.91 -21.17 -20.22
CA GLY B 18 8.54 -21.79 -19.07
C GLY B 18 8.25 -21.15 -17.73
N ALA B 19 7.14 -20.42 -17.61
CA ALA B 19 6.76 -19.85 -16.33
C ALA B 19 6.38 -20.97 -15.36
N PRO B 20 6.44 -20.70 -14.06
CA PRO B 20 5.95 -21.69 -13.10
C PRO B 20 4.47 -21.96 -13.33
N GLN B 21 4.04 -23.17 -12.98
CA GLN B 21 2.64 -23.54 -13.19
C GLN B 21 1.72 -22.56 -12.49
N VAL B 22 2.02 -22.25 -11.23
CA VAL B 22 1.22 -21.35 -10.40
C VAL B 22 2.20 -20.39 -9.74
N LEU B 23 2.18 -19.14 -10.16
CA LEU B 23 3.17 -18.15 -9.75
C LEU B 23 2.46 -17.05 -8.98
N GLU B 24 2.81 -16.91 -7.70
CA GLU B 24 2.23 -15.89 -6.83
C GLU B 24 3.28 -14.82 -6.56
N PHE B 25 2.85 -13.54 -6.61
CA PHE B 25 3.71 -12.41 -6.27
C PHE B 25 3.17 -11.70 -5.03
N PHE B 26 4.06 -11.23 -4.16
CA PHE B 26 3.63 -10.46 -3.01
C PHE B 26 4.72 -9.47 -2.63
N SER B 27 4.43 -8.62 -1.66
CA SER B 27 5.41 -7.79 -0.99
C SER B 27 5.11 -7.79 0.51
N PHE B 28 6.16 -7.81 1.34
CA PHE B 28 5.92 -7.69 2.76
C PHE B 28 5.37 -6.31 3.15
N PHE B 29 5.44 -5.32 2.26
CA PHE B 29 4.81 -4.03 2.56
C PHE B 29 3.32 -4.01 2.22
N CYS B 30 2.85 -5.01 1.49
CA CYS B 30 1.55 -4.94 0.83
C CYS B 30 0.45 -5.39 1.80
N PRO B 31 -0.42 -4.48 2.27
CA PRO B 31 -1.43 -4.87 3.26
C PRO B 31 -2.43 -5.90 2.75
N HIS B 32 -2.86 -5.79 1.49
CA HIS B 32 -3.78 -6.80 0.97
C HIS B 32 -3.09 -8.15 0.82
N CYS B 33 -1.77 -8.16 0.58
CA CYS B 33 -1.03 -9.42 0.55
C CYS B 33 -1.00 -10.07 1.92
N TYR B 34 -0.77 -9.27 2.96
CA TYR B 34 -0.90 -9.73 4.33
C TYR B 34 -2.28 -10.37 4.54
N GLN B 35 -3.33 -9.69 4.07
CA GLN B 35 -4.68 -10.23 4.22
C GLN B 35 -4.85 -11.55 3.46
N PHE B 36 -4.38 -11.61 2.21
CA PHE B 36 -4.45 -12.84 1.43
C PHE B 36 -3.80 -14.00 2.17
N GLU B 37 -2.57 -13.80 2.66
CA GLU B 37 -1.80 -14.93 3.16
C GLU B 37 -2.26 -15.35 4.55
N GLU B 38 -2.49 -14.38 5.44
CA GLU B 38 -2.62 -14.69 6.86
C GLU B 38 -4.05 -14.63 7.38
N VAL B 39 -4.96 -14.01 6.67
CA VAL B 39 -6.34 -13.91 7.10
C VAL B 39 -7.25 -14.76 6.21
N LEU B 40 -7.23 -14.51 4.90
CA LEU B 40 -8.01 -15.33 3.98
C LEU B 40 -7.42 -16.72 3.77
N HIS B 41 -6.10 -16.88 3.88
CA HIS B 41 -5.43 -18.16 3.60
C HIS B 41 -5.59 -18.58 2.14
N ILE B 42 -5.40 -17.62 1.22
CA ILE B 42 -5.60 -17.89 -0.20
C ILE B 42 -4.69 -19.01 -0.67
N SER B 43 -3.39 -18.88 -0.40
CA SER B 43 -2.43 -19.87 -0.93
C SER B 43 -2.70 -21.26 -0.34
N ASP B 44 -3.08 -21.32 0.93
CA ASP B 44 -3.45 -22.61 1.55
C ASP B 44 -4.61 -23.25 0.81
N ASN B 45 -5.63 -22.44 0.51
CA ASN B 45 -6.83 -22.98 -0.12
C ASN B 45 -6.58 -23.34 -1.57
N VAL B 46 -5.86 -22.50 -2.31
CA VAL B 46 -5.40 -22.90 -3.64
C VAL B 46 -4.64 -24.23 -3.57
N LYS B 47 -3.71 -24.34 -2.62
CA LYS B 47 -2.82 -25.50 -2.58
C LYS B 47 -3.61 -26.80 -2.42
N LYS B 48 -4.56 -26.81 -1.49
CA LYS B 48 -5.25 -28.07 -1.24
C LYS B 48 -6.18 -28.48 -2.38
N LYS B 49 -6.40 -27.61 -3.37
CA LYS B 49 -7.20 -27.96 -4.53
C LYS B 49 -6.38 -28.19 -5.77
N LEU B 50 -5.07 -27.99 -5.71
CA LEU B 50 -4.27 -28.12 -6.92
C LEU B 50 -4.18 -29.60 -7.34
N PRO B 51 -4.20 -29.88 -8.65
CA PRO B 51 -4.07 -31.27 -9.10
C PRO B 51 -2.69 -31.81 -8.77
N GLU B 52 -2.59 -33.13 -8.79
CA GLU B 52 -1.31 -33.79 -8.57
C GLU B 52 -0.28 -33.33 -9.60
N GLY B 53 0.95 -33.10 -9.13
CA GLY B 53 2.01 -32.66 -10.02
C GLY B 53 2.01 -31.19 -10.33
N VAL B 54 1.40 -30.36 -9.49
CA VAL B 54 1.39 -28.92 -9.66
C VAL B 54 1.96 -28.30 -8.40
N LYS B 55 3.00 -27.48 -8.55
CA LYS B 55 3.70 -26.84 -7.45
C LYS B 55 3.40 -25.35 -7.43
N MET B 56 3.37 -24.77 -6.24
CA MET B 56 3.13 -23.34 -6.08
C MET B 56 4.45 -22.63 -5.84
N THR B 57 4.68 -21.57 -6.60
CA THR B 57 5.87 -20.73 -6.48
C THR B 57 5.42 -19.35 -6.03
N LYS B 58 6.15 -18.77 -5.08
CA LYS B 58 5.82 -17.41 -4.63
C LYS B 58 7.08 -16.56 -4.61
N TYR B 59 7.01 -15.41 -5.27
CA TYR B 59 8.10 -14.47 -5.37
C TYR B 59 7.73 -13.14 -4.72
N HIS B 60 8.74 -12.49 -4.13
CA HIS B 60 8.62 -11.15 -3.59
C HIS B 60 8.93 -10.13 -4.69
N VAL B 61 8.43 -8.90 -4.52
CA VAL B 61 8.66 -7.87 -5.52
C VAL B 61 9.29 -6.64 -4.87
N ASN B 62 9.95 -5.84 -5.72
CA ASN B 62 10.77 -4.72 -5.26
C ASN B 62 10.05 -3.40 -5.15
N PHE B 63 8.92 -3.25 -5.86
CA PHE B 63 8.35 -1.93 -6.10
C PHE B 63 7.39 -1.47 -5.00
N MET B 64 7.59 -1.91 -3.76
CA MET B 64 6.94 -1.28 -2.63
C MET B 64 7.97 -1.09 -1.53
N GLY B 65 7.85 0.01 -0.78
CA GLY B 65 8.75 0.21 0.33
C GLY B 65 10.17 0.58 -0.04
N GLY B 66 10.38 1.18 -1.22
CA GLY B 66 11.66 1.70 -1.63
C GLY B 66 12.80 0.69 -1.56
N ASP B 67 13.98 1.19 -1.18
CA ASP B 67 15.20 0.39 -1.16
C ASP B 67 15.09 -0.79 -0.19
N LEU B 68 14.33 -0.63 0.88
CA LEU B 68 14.12 -1.77 1.76
C LEU B 68 13.32 -2.86 1.05
N GLY B 69 12.48 -2.48 0.08
CA GLY B 69 11.79 -3.49 -0.70
C GLY B 69 12.75 -4.42 -1.41
N LYS B 70 13.87 -3.88 -1.88
CA LYS B 70 14.84 -4.75 -2.56
C LYS B 70 15.51 -5.70 -1.57
N ASP B 71 15.88 -5.20 -0.39
CA ASP B 71 16.44 -6.09 0.64
C ASP B 71 15.47 -7.20 0.99
N LEU B 72 14.17 -6.89 1.05
CA LEU B 72 13.16 -7.90 1.36
C LEU B 72 13.09 -8.94 0.27
N THR B 73 13.19 -8.52 -0.99
CA THR B 73 13.23 -9.50 -2.07
C THR B 73 14.41 -10.44 -1.92
N GLN B 74 15.57 -9.87 -1.55
CA GLN B 74 16.74 -10.72 -1.29
C GLN B 74 16.57 -11.57 -0.04
N ALA B 75 15.89 -11.03 0.99
CA ALA B 75 15.64 -11.83 2.19
C ALA B 75 14.67 -12.97 1.88
N TRP B 76 13.70 -12.72 1.01
CA TRP B 76 12.82 -13.81 0.60
C TRP B 76 13.58 -14.87 -0.20
N ALA B 77 14.54 -14.44 -1.02
CA ALA B 77 15.40 -15.43 -1.68
C ALA B 77 16.18 -16.24 -0.65
N VAL B 78 16.66 -15.60 0.43
CA VAL B 78 17.32 -16.36 1.48
C VAL B 78 16.34 -17.34 2.12
N ALA B 79 15.10 -16.89 2.36
CA ALA B 79 14.11 -17.78 2.97
C ALA B 79 13.87 -18.99 2.07
N MET B 80 13.79 -18.79 0.76
CA MET B 80 13.59 -19.92 -0.12
C MET B 80 14.81 -20.83 -0.11
N ALA B 81 16.01 -20.25 -0.11
CA ALA B 81 17.23 -21.05 -0.16
C ALA B 81 17.41 -21.86 1.12
N LEU B 82 17.00 -21.32 2.27
CA LEU B 82 17.09 -22.02 3.54
C LEU B 82 15.86 -22.87 3.86
N GLY B 83 14.80 -22.77 3.06
CA GLY B 83 13.57 -23.47 3.38
C GLY B 83 12.93 -23.04 4.68
N VAL B 84 12.93 -21.74 4.98
CA VAL B 84 12.35 -21.26 6.22
C VAL B 84 11.18 -20.32 5.94
N GLU B 85 10.57 -20.43 4.76
CA GLU B 85 9.38 -19.62 4.46
C GLU B 85 8.32 -19.73 5.55
N ASP B 86 8.10 -20.93 6.07
CA ASP B 86 7.04 -21.15 7.04
C ASP B 86 7.49 -20.88 8.47
N LYS B 87 8.63 -20.20 8.63
CA LYS B 87 9.02 -19.68 9.94
C LYS B 87 9.20 -18.17 9.95
N VAL B 88 9.57 -17.53 8.84
CA VAL B 88 9.84 -16.10 8.88
C VAL B 88 8.73 -15.25 8.28
N THR B 89 7.77 -15.86 7.60
CA THR B 89 6.74 -15.08 6.91
C THR B 89 5.93 -14.22 7.87
N VAL B 90 5.62 -14.73 9.06
CA VAL B 90 4.78 -13.99 10.02
C VAL B 90 5.60 -12.90 10.70
N PRO B 91 6.79 -13.20 11.21
CA PRO B 91 7.63 -12.12 11.76
C PRO B 91 7.96 -11.04 10.72
N LEU B 92 8.11 -11.41 9.45
CA LEU B 92 8.39 -10.38 8.44
C LEU B 92 7.16 -9.51 8.20
N PHE B 93 5.98 -10.13 8.02
CA PHE B 93 4.75 -9.36 7.84
C PHE B 93 4.47 -8.46 9.03
N GLU B 94 4.54 -9.02 10.24
CA GLU B 94 4.26 -8.25 11.43
C GLU B 94 5.34 -7.21 11.69
N GLY B 95 6.60 -7.54 11.44
CA GLY B 95 7.67 -6.58 11.67
C GLY B 95 7.56 -5.35 10.78
N VAL B 96 7.16 -5.55 9.52
CA VAL B 96 7.04 -4.43 8.58
C VAL B 96 5.74 -3.65 8.84
N GLN B 97 4.61 -4.35 8.93
CA GLN B 97 3.31 -3.70 8.94
C GLN B 97 2.67 -3.53 10.32
N LYS B 98 2.93 -4.42 11.28
CA LYS B 98 2.18 -4.40 12.52
C LYS B 98 2.98 -3.72 13.63
N THR B 99 3.96 -4.42 14.20
CA THR B 99 4.84 -3.82 15.20
C THR B 99 5.76 -2.75 14.62
N GLN B 100 6.00 -2.78 13.31
CA GLN B 100 6.85 -1.80 12.66
C GLN B 100 8.23 -1.71 13.31
N THR B 101 8.85 -2.88 13.50
CA THR B 101 10.20 -3.00 14.02
C THR B 101 11.19 -3.39 12.93
N ILE B 102 10.74 -3.52 11.70
CA ILE B 102 11.61 -3.79 10.57
C ILE B 102 11.69 -2.52 9.74
N ARG B 103 12.83 -1.83 9.84
CA ARG B 103 13.02 -0.54 9.22
C ARG B 103 14.25 -0.48 8.34
N SER B 104 15.09 -1.51 8.37
CA SER B 104 16.36 -1.53 7.65
C SER B 104 16.75 -2.99 7.44
N ALA B 105 17.82 -3.19 6.67
CA ALA B 105 18.25 -4.55 6.35
C ALA B 105 18.66 -5.30 7.61
N SER B 106 19.25 -4.60 8.57
CA SER B 106 19.68 -5.26 9.80
C SER B 106 18.51 -5.82 10.58
N ASP B 107 17.37 -5.11 10.59
CA ASP B 107 16.19 -5.62 11.29
C ASP B 107 15.67 -6.90 10.64
N ILE B 108 15.79 -7.02 9.32
CA ILE B 108 15.42 -8.25 8.61
C ILE B 108 16.29 -9.40 9.07
N ARG B 109 17.62 -9.20 9.06
CA ARG B 109 18.53 -10.21 9.58
C ARG B 109 18.14 -10.65 10.98
N ASP B 110 17.76 -9.72 11.83
CA ASP B 110 17.42 -10.08 13.20
C ASP B 110 16.27 -11.08 13.24
N VAL B 111 15.33 -10.96 12.29
CA VAL B 111 14.19 -11.88 12.25
C VAL B 111 14.68 -13.31 12.01
N PHE B 112 15.59 -13.50 11.04
CA PHE B 112 16.07 -14.84 10.75
C PHE B 112 16.88 -15.38 11.91
N ILE B 113 17.70 -14.53 12.53
CA ILE B 113 18.46 -14.98 13.70
C ILE B 113 17.50 -15.35 14.82
N ASN B 114 16.46 -14.54 15.02
CA ASN B 114 15.51 -14.82 16.09
C ASN B 114 14.74 -16.11 15.86
N ALA B 115 14.57 -16.53 14.61
CA ALA B 115 13.92 -17.79 14.28
C ALA B 115 14.89 -18.97 14.25
N GLY B 116 16.13 -18.76 14.69
CA GLY B 116 17.06 -19.85 14.92
C GLY B 116 18.09 -20.05 13.83
N ILE B 117 18.10 -19.20 12.81
CA ILE B 117 19.16 -19.24 11.81
C ILE B 117 20.39 -18.55 12.36
N LYS B 118 21.55 -19.18 12.22
CA LYS B 118 22.79 -18.55 12.65
C LYS B 118 23.08 -17.35 11.77
N GLY B 119 23.49 -16.25 12.40
CA GLY B 119 23.87 -15.07 11.65
C GLY B 119 24.90 -15.38 10.57
N GLU B 120 25.86 -16.24 10.88
CA GLU B 120 26.87 -16.58 9.89
C GLU B 120 26.24 -17.25 8.69
N GLU B 121 25.23 -18.10 8.91
CA GLU B 121 24.59 -18.82 7.81
C GLU B 121 23.67 -17.89 7.02
N TYR B 122 22.89 -17.04 7.70
CA TYR B 122 22.16 -16.00 7.01
C TYR B 122 23.09 -15.18 6.13
N ASP B 123 24.23 -14.77 6.68
CA ASP B 123 25.18 -13.97 5.90
C ASP B 123 25.74 -14.75 4.72
N ALA B 124 26.13 -16.00 4.94
CA ALA B 124 26.59 -16.83 3.82
C ALA B 124 25.48 -16.99 2.77
N ALA B 125 24.26 -17.25 3.21
CA ALA B 125 23.17 -17.41 2.24
C ALA B 125 22.91 -16.10 1.48
N TRP B 126 22.89 -14.96 2.19
CA TRP B 126 22.65 -13.68 1.54
C TRP B 126 23.59 -13.44 0.37
N ASN B 127 24.86 -13.79 0.56
CA ASN B 127 25.90 -13.59 -0.45
C ASN B 127 26.06 -14.77 -1.38
N SER B 128 25.16 -15.76 -1.30
CA SER B 128 25.34 -16.97 -2.06
C SER B 128 24.97 -16.77 -3.53
N PHE B 129 25.50 -17.63 -4.38
CA PHE B 129 25.09 -17.64 -5.78
C PHE B 129 23.65 -18.09 -5.95
N VAL B 130 23.20 -19.04 -5.12
CA VAL B 130 21.79 -19.44 -5.15
C VAL B 130 20.91 -18.20 -4.97
N VAL B 131 21.24 -17.36 -3.99
CA VAL B 131 20.40 -16.23 -3.68
C VAL B 131 20.47 -15.18 -4.79
N LYS B 132 21.69 -14.87 -5.25
CA LYS B 132 21.82 -13.94 -6.37
C LYS B 132 20.98 -14.40 -7.56
N SER B 133 21.00 -15.70 -7.83
CA SER B 133 20.22 -16.24 -8.93
C SER B 133 18.71 -16.12 -8.67
N LEU B 134 18.28 -16.46 -7.45
CA LEU B 134 16.87 -16.35 -7.10
C LEU B 134 16.39 -14.90 -7.21
N VAL B 135 17.20 -13.95 -6.75
CA VAL B 135 16.83 -12.54 -6.91
C VAL B 135 16.57 -12.23 -8.38
N ALA B 136 17.50 -12.62 -9.26
CA ALA B 136 17.32 -12.37 -10.68
C ALA B 136 16.06 -13.08 -11.19
N GLN B 137 15.82 -14.31 -10.76
CA GLN B 137 14.61 -15.01 -11.21
C GLN B 137 13.36 -14.25 -10.80
N GLN B 138 13.29 -13.82 -9.54
CA GLN B 138 12.12 -13.09 -9.07
C GLN B 138 11.93 -11.81 -9.88
N GLU B 139 13.03 -11.10 -10.15
CA GLU B 139 12.94 -9.84 -10.90
C GLU B 139 12.51 -10.08 -12.35
N LYS B 140 13.10 -11.08 -13.01
CA LYS B 140 12.74 -11.35 -14.39
C LYS B 140 11.28 -11.79 -14.50
N ALA B 141 10.81 -12.62 -13.57
CA ALA B 141 9.46 -13.15 -13.65
C ALA B 141 8.43 -12.03 -13.58
N ALA B 142 8.65 -11.04 -12.71
CA ALA B 142 7.78 -9.88 -12.70
C ALA B 142 7.87 -9.11 -14.01
N ALA B 143 9.08 -8.95 -14.56
CA ALA B 143 9.22 -8.22 -15.81
C ALA B 143 8.48 -8.92 -16.93
N ASP B 144 8.49 -10.27 -16.92
CA ASP B 144 7.89 -11.03 -18.00
C ASP B 144 6.39 -10.80 -18.08
N VAL B 145 5.71 -10.77 -16.93
CA VAL B 145 4.26 -10.59 -16.95
C VAL B 145 3.93 -9.11 -16.85
N GLN B 146 4.96 -8.26 -16.86
CA GLN B 146 4.78 -6.83 -16.76
C GLN B 146 3.96 -6.49 -15.51
N LEU B 147 4.30 -7.17 -14.43
CA LEU B 147 3.59 -7.00 -13.18
C LEU B 147 3.51 -5.53 -12.78
N ARG B 148 2.29 -5.07 -12.50
CA ARG B 148 2.09 -3.70 -12.06
C ARG B 148 1.66 -3.58 -10.60
N GLY B 149 1.29 -4.69 -9.94
CA GLY B 149 0.85 -4.63 -8.56
C GLY B 149 0.73 -6.00 -7.96
N VAL B 150 0.56 -6.01 -6.64
CA VAL B 150 0.38 -7.23 -5.86
C VAL B 150 -0.80 -7.03 -4.91
N PRO B 151 -1.40 -8.13 -4.43
CA PRO B 151 -1.09 -9.52 -4.82
C PRO B 151 -1.43 -9.81 -6.27
N ALA B 152 -0.93 -10.92 -6.79
CA ALA B 152 -1.24 -11.33 -8.14
C ALA B 152 -0.88 -12.81 -8.28
N MET B 153 -1.54 -13.49 -9.20
CA MET B 153 -1.24 -14.90 -9.40
C MET B 153 -1.43 -15.22 -10.87
N PHE B 154 -0.53 -16.06 -11.40
CA PHE B 154 -0.47 -16.39 -12.82
C PHE B 154 -0.36 -17.89 -12.99
N VAL B 155 -1.17 -18.43 -13.89
CA VAL B 155 -1.23 -19.87 -14.13
C VAL B 155 -0.58 -20.14 -15.48
N ASN B 156 0.49 -20.95 -15.48
CA ASN B 156 1.17 -21.36 -16.71
C ASN B 156 1.57 -20.17 -17.56
N GLY B 157 1.86 -19.04 -16.92
CA GLY B 157 2.31 -17.88 -17.65
C GLY B 157 1.33 -17.39 -18.69
N LYS B 158 0.08 -17.85 -18.60
CA LYS B 158 -0.92 -17.49 -19.60
C LYS B 158 -2.10 -16.74 -19.02
N TYR B 159 -2.54 -17.08 -17.81
CA TYR B 159 -3.73 -16.49 -17.24
C TYR B 159 -3.40 -15.77 -15.94
N GLN B 160 -4.12 -14.70 -15.68
CA GLN B 160 -3.92 -13.89 -14.49
C GLN B 160 -5.20 -13.90 -13.69
N LEU B 161 -5.12 -14.33 -12.42
CA LEU B 161 -6.30 -14.34 -11.56
C LEU B 161 -6.88 -12.93 -11.47
N ASN B 162 -8.21 -12.84 -11.42
CA ASN B 162 -8.91 -11.56 -11.38
C ASN B 162 -9.89 -11.49 -10.21
N PRO B 163 -9.38 -11.41 -8.97
CA PRO B 163 -10.31 -11.41 -7.82
C PRO B 163 -11.32 -10.29 -7.89
N GLN B 164 -10.99 -9.18 -8.56
CA GLN B 164 -11.94 -8.08 -8.69
C GLN B 164 -13.25 -8.54 -9.32
N GLY B 165 -13.22 -9.52 -10.21
CA GLY B 165 -14.42 -10.05 -10.82
C GLY B 165 -15.10 -11.19 -10.10
N MET B 166 -14.65 -11.58 -8.90
CA MET B 166 -15.23 -12.67 -8.15
C MET B 166 -16.24 -12.15 -7.12
N ASP B 167 -16.88 -13.07 -6.42
CA ASP B 167 -17.83 -12.72 -5.36
C ASP B 167 -17.07 -12.15 -4.17
N THR B 168 -17.13 -10.84 -4.01
CA THR B 168 -16.41 -10.17 -2.93
C THR B 168 -17.28 -9.96 -1.68
N SER B 169 -18.51 -10.47 -1.69
CA SER B 169 -19.41 -10.31 -0.55
C SER B 169 -19.20 -11.40 0.50
N ASN B 170 -19.21 -12.66 0.06
CA ASN B 170 -19.00 -13.81 0.94
C ASN B 170 -17.54 -14.21 0.83
N MET B 171 -16.77 -14.02 1.90
CA MET B 171 -15.35 -14.32 1.81
C MET B 171 -15.09 -15.82 1.71
N ASP B 172 -15.87 -16.63 2.41
CA ASP B 172 -15.70 -18.08 2.29
C ASP B 172 -15.94 -18.52 0.86
N VAL B 173 -16.95 -17.96 0.20
CA VAL B 173 -17.22 -18.34 -1.20
C VAL B 173 -16.16 -17.76 -2.11
N PHE B 174 -15.75 -16.51 -1.86
CA PHE B 174 -14.69 -15.88 -2.64
C PHE B 174 -13.41 -16.71 -2.59
N VAL B 175 -13.04 -17.19 -1.40
CA VAL B 175 -11.78 -17.93 -1.28
C VAL B 175 -11.83 -19.21 -2.12
N GLN B 176 -12.90 -19.98 -2.00
CA GLN B 176 -13.01 -21.18 -2.81
C GLN B 176 -13.17 -20.85 -4.31
N GLN B 177 -13.81 -19.73 -4.63
CA GLN B 177 -13.87 -19.30 -6.02
C GLN B 177 -12.47 -19.04 -6.57
N TYR B 178 -11.64 -18.33 -5.81
CA TYR B 178 -10.26 -18.13 -6.22
C TYR B 178 -9.54 -19.47 -6.39
N ALA B 179 -9.68 -20.36 -5.41
CA ALA B 179 -8.98 -21.64 -5.47
C ALA B 179 -9.47 -22.48 -6.65
N ASP B 180 -10.79 -22.51 -6.85
CA ASP B 180 -11.35 -23.28 -7.97
C ASP B 180 -10.95 -22.68 -9.32
N THR B 181 -10.85 -21.35 -9.41
CA THR B 181 -10.36 -20.73 -10.64
C THR B 181 -8.94 -21.18 -10.95
N VAL B 182 -8.04 -21.15 -9.95
CA VAL B 182 -6.67 -21.62 -10.20
C VAL B 182 -6.69 -23.07 -10.68
N LYS B 183 -7.46 -23.92 -9.98
CA LYS B 183 -7.57 -25.33 -10.38
C LYS B 183 -8.09 -25.45 -11.82
N TYR B 184 -9.18 -24.75 -12.12
CA TYR B 184 -9.75 -24.78 -13.47
C TYR B 184 -8.71 -24.36 -14.50
N LEU B 185 -8.02 -23.25 -14.25
CA LEU B 185 -7.07 -22.73 -15.22
C LEU B 185 -5.87 -23.66 -15.39
N SER B 186 -5.46 -24.34 -14.33
CA SER B 186 -4.31 -25.23 -14.45
C SER B 186 -4.64 -26.48 -15.26
N GLU B 187 -5.92 -26.85 -15.33
CA GLU B 187 -6.41 -27.93 -16.17
C GLU B 187 -6.68 -27.48 -17.60
N LYS B 188 -6.60 -26.18 -17.86
CA LYS B 188 -6.90 -25.60 -19.16
C LYS B 188 -5.76 -25.83 -20.14
C10 QVP C . 11.60 7.21 -5.15
C13 QVP C . 10.89 6.82 0.05
C15 QVP C . 10.31 4.60 1.18
C17 QVP C . 9.09 3.09 2.81
C20 QVP C . 6.97 2.78 1.04
C21 QVP C . 8.06 3.57 0.69
O01 QVP C . 6.41 8.95 -3.45
C02 QVP C . 7.62 9.14 -3.76
C03 QVP C . 8.70 8.41 -2.99
C04 QVP C . 9.86 7.70 -3.45
C05 QVP C . 10.28 7.54 -4.89
C06 QVP C . 9.39 7.68 -5.94
C07 QVP C . 9.82 7.50 -7.25
C08 QVP C . 11.14 7.19 -7.50
C09 QVP C . 12.04 7.03 -6.45
N11 QVP C . 10.63 7.17 -2.45
C12 QVP C . 10.21 7.35 -1.20
C14 QVP C . 9.88 6.01 0.85
C16 QVP C . 9.12 3.73 1.58
C18 QVP C . 8.02 2.29 3.15
C19 QVP C . 6.95 2.14 2.27
S22 QVP C . 8.79 8.25 -1.29
O23 QVP C . 7.93 9.94 -4.67
H101 QVP C . 12.23 7.10 -4.42
H131 QVP C . 11.21 7.57 0.59
H132 QVP C . 11.64 6.26 -0.20
H151 QVP C . 10.94 4.63 1.92
H152 QVP C . 10.74 4.20 0.39
H171 QVP C . 9.84 3.20 3.43
H201 QVP C . 6.23 2.67 0.42
H211 QVP C . 8.07 4.03 -0.17
H061 QVP C . 8.45 7.90 -5.75
H071 QVP C . 9.19 7.61 -7.98
H081 QVP C . 11.45 7.07 -8.43
H091 QVP C . 12.97 6.81 -6.64
H142 QVP C . 9.05 5.97 0.33
H141 QVP C . 9.71 6.48 1.69
H181 QVP C . 8.00 1.85 4.01
H191 QVP C . 6.19 1.58 2.51
CU CU D . -21.02 -18.02 -18.84
#